data_8RV3
#
_entry.id   8RV3
#
_cell.length_a   64.910
_cell.length_b   94.760
_cell.length_c   47.590
_cell.angle_alpha   90.00
_cell.angle_beta   90.00
_cell.angle_gamma   90.00
#
_symmetry.space_group_name_H-M   'P 21 21 2'
#
loop_
_entity.id
_entity.type
_entity.pdbx_description
1 polymer RctB
2 non-polymer GLYCEROL
3 non-polymer 'IODIDE ION'
4 water water
#
_entity_poly.entity_id   1
_entity_poly.type   'polypeptide(L)'
_entity_poly.pdbx_seq_one_letter_code
;GAMAKTTNAGKRNMAPTLPNPLRNELVSKQKLAELSSIIDGEFEPIQRKAPSPRGRLGRRVKLRKHLVEINADEITITLS
RYTSPEALERSITALAAMTGHAPSSIKEECVELIDKLDWLRVENDVIQYPTLSKLLELYNSQNESKHLSIEKLIAGLAVR
RKVCKLVQDGHIDETVYRALDEMAAGA
;
_entity_poly.pdbx_strand_id   A,B
#
loop_
_chem_comp.id
_chem_comp.type
_chem_comp.name
_chem_comp.formula
GOL non-polymer GLYCEROL 'C3 H8 O3'
IOD non-polymer 'IODIDE ION' 'I -1'
#
# COMPACT_ATOMS: atom_id res chain seq x y z
N ARG A 59 8.30 -10.06 8.95
CA ARG A 59 7.30 -9.22 9.64
C ARG A 59 6.86 -8.09 8.64
N ARG A 60 7.87 -7.43 8.05
CA ARG A 60 7.60 -6.44 7.02
C ARG A 60 7.15 -7.12 5.68
N VAL A 61 7.05 -8.49 5.61
CA VAL A 61 6.79 -9.21 4.35
C VAL A 61 5.48 -10.02 4.31
N LYS A 62 4.68 -9.85 3.26
CA LYS A 62 3.48 -10.60 3.04
C LYS A 62 3.71 -11.40 1.75
N LEU A 63 3.78 -12.72 1.84
CA LEU A 63 4.01 -13.58 0.65
C LEU A 63 2.72 -14.12 0.05
N ARG A 64 2.51 -13.91 -1.25
CA ARG A 64 1.38 -14.53 -1.96
C ARG A 64 1.99 -15.40 -3.07
N LYS A 65 1.19 -15.88 -4.02
CA LYS A 65 1.72 -16.81 -5.03
C LYS A 65 2.33 -15.99 -6.17
N HIS A 66 1.64 -14.92 -6.53
CA HIS A 66 2.16 -14.09 -7.61
C HIS A 66 2.74 -12.79 -7.23
N LEU A 67 2.51 -12.39 -5.95
CA LEU A 67 2.98 -11.05 -5.50
C LEU A 67 3.64 -11.15 -4.10
N VAL A 68 4.59 -10.30 -3.85
CA VAL A 68 5.16 -10.17 -2.51
C VAL A 68 5.03 -8.65 -2.09
N GLU A 69 4.53 -8.34 -0.86
CA GLU A 69 4.45 -6.93 -0.43
C GLU A 69 5.38 -6.74 0.75
N ILE A 70 6.28 -5.73 0.66
CA ILE A 70 7.30 -5.32 1.67
C ILE A 70 6.90 -3.96 2.25
N ASN A 71 6.58 -3.96 3.54
CA ASN A 71 6.02 -2.86 4.32
C ASN A 71 7.08 -2.26 5.23
N ALA A 72 7.36 -0.95 5.11
CA ALA A 72 8.32 -0.27 5.98
C ALA A 72 7.82 1.10 6.30
N ASP A 73 7.06 1.18 7.39
CA ASP A 73 6.37 2.35 7.89
C ASP A 73 5.41 2.93 6.80
N GLU A 74 5.69 4.13 6.25
CA GLU A 74 4.83 4.80 5.26
C GLU A 74 4.79 4.12 3.93
N ILE A 75 5.79 3.31 3.63
CA ILE A 75 5.88 2.62 2.34
C ILE A 75 5.39 1.15 2.28
N THR A 76 4.84 0.80 1.15
CA THR A 76 4.59 -0.57 0.78
C THR A 76 5.20 -0.76 -0.65
N ILE A 77 6.07 -1.73 -0.85
CA ILE A 77 6.62 -2.09 -2.18
C ILE A 77 6.00 -3.45 -2.57
N THR A 78 5.43 -3.56 -3.79
CA THR A 78 4.87 -4.81 -4.25
C THR A 78 5.65 -5.30 -5.46
N LEU A 79 6.23 -6.54 -5.36
CA LEU A 79 7.01 -7.13 -6.41
C LEU A 79 6.35 -8.36 -6.98
N SER A 80 6.64 -8.68 -8.27
CA SER A 80 6.17 -9.91 -8.89
C SER A 80 7.30 -10.52 -9.79
N ARG A 81 7.01 -11.62 -10.54
CA ARG A 81 7.92 -12.12 -11.51
C ARG A 81 8.03 -11.18 -12.74
N TYR A 82 7.07 -10.29 -12.95
CA TYR A 82 6.97 -9.29 -14.04
C TYR A 82 7.74 -8.04 -13.77
N THR A 83 8.24 -7.80 -12.51
CA THR A 83 9.06 -6.60 -12.18
C THR A 83 10.36 -6.60 -12.99
N SER A 84 10.68 -5.50 -13.67
CA SER A 84 11.89 -5.43 -14.47
C SER A 84 13.10 -5.20 -13.56
N PRO A 85 14.35 -5.49 -14.01
CA PRO A 85 15.52 -5.24 -13.16
C PRO A 85 15.70 -3.75 -12.79
N GLU A 86 15.27 -2.85 -13.67
CA GLU A 86 15.34 -1.40 -13.41
C GLU A 86 14.35 -1.03 -12.31
N ALA A 87 13.09 -1.42 -12.48
CA ALA A 87 12.05 -1.18 -11.44
C ALA A 87 12.49 -1.80 -10.08
N LEU A 88 13.29 -2.87 -10.12
CA LEU A 88 13.74 -3.51 -8.86
C LEU A 88 14.86 -2.68 -8.23
N GLU A 89 15.68 -2.03 -9.05
CA GLU A 89 16.79 -1.19 -8.54
C GLU A 89 16.19 0.04 -7.82
N ARG A 90 15.22 0.69 -8.45
CA ARG A 90 14.51 1.79 -7.82
C ARG A 90 13.80 1.35 -6.51
N SER A 91 13.14 0.18 -6.49
CA SER A 91 12.43 -0.36 -5.30
C SER A 91 13.39 -0.57 -4.14
N ILE A 92 14.52 -1.13 -4.40
CA ILE A 92 15.65 -1.31 -3.47
C ILE A 92 16.13 0.05 -2.87
N THR A 93 16.12 1.14 -3.66
CA THR A 93 16.59 2.49 -3.18
C THR A 93 15.51 3.12 -2.37
N ALA A 94 14.25 3.05 -2.86
CA ALA A 94 13.10 3.44 -2.08
C ALA A 94 13.04 2.68 -0.66
N LEU A 95 13.24 1.38 -0.59
CA LEU A 95 13.31 0.70 0.73
C LEU A 95 14.52 1.15 1.52
N ALA A 96 15.70 1.34 0.91
CA ALA A 96 16.89 1.78 1.67
C ALA A 96 16.70 3.21 2.28
N ALA A 97 16.01 4.14 1.58
CA ALA A 97 15.70 5.45 2.22
C ALA A 97 14.78 5.33 3.42
N MET A 98 13.89 4.30 3.47
CA MET A 98 12.96 4.18 4.61
C MET A 98 13.61 3.48 5.81
N THR A 99 14.38 2.43 5.51
CA THR A 99 14.89 1.52 6.51
C THR A 99 16.29 1.82 6.94
N GLY A 100 17.10 2.44 6.08
CA GLY A 100 18.50 2.68 6.40
C GLY A 100 19.35 1.43 6.20
N HIS A 101 18.76 0.34 5.68
CA HIS A 101 19.42 -0.89 5.37
C HIS A 101 20.26 -0.77 4.11
N ALA A 102 21.32 -1.60 4.02
CA ALA A 102 22.21 -1.57 2.87
C ALA A 102 21.51 -2.04 1.65
N PRO A 103 21.64 -1.32 0.51
CA PRO A 103 21.05 -1.84 -0.75
C PRO A 103 21.44 -3.27 -1.11
N SER A 104 22.67 -3.68 -0.85
CA SER A 104 23.14 -5.07 -1.13
C SER A 104 22.29 -6.09 -0.36
N SER A 105 22.05 -5.87 0.92
CA SER A 105 21.24 -6.79 1.75
C SER A 105 19.78 -6.83 1.31
N ILE A 106 19.25 -5.72 0.78
CA ILE A 106 17.81 -5.65 0.40
C ILE A 106 17.67 -6.37 -0.95
N LYS A 107 18.63 -6.14 -1.85
CA LYS A 107 18.64 -6.89 -3.15
C LYS A 107 18.61 -8.37 -2.97
N GLU A 108 19.49 -8.86 -2.09
CA GLU A 108 19.58 -10.29 -1.82
C GLU A 108 18.25 -10.84 -1.34
N GLU A 109 17.56 -10.13 -0.46
CA GLU A 109 16.26 -10.52 0.07
C GLU A 109 15.15 -10.46 -0.92
N CYS A 110 15.07 -9.38 -1.70
CA CYS A 110 14.12 -9.16 -2.76
C CYS A 110 14.24 -10.20 -3.81
N VAL A 111 15.46 -10.57 -4.18
CA VAL A 111 15.79 -11.64 -5.15
C VAL A 111 15.31 -13.00 -4.68
N GLU A 112 15.51 -13.35 -3.36
CA GLU A 112 14.98 -14.59 -2.79
C GLU A 112 13.44 -14.64 -2.79
N LEU A 113 12.82 -13.50 -2.56
CA LEU A 113 11.35 -13.44 -2.52
C LEU A 113 10.74 -13.59 -3.89
N ILE A 114 11.15 -12.82 -4.92
CA ILE A 114 10.60 -12.98 -6.28
C ILE A 114 10.88 -14.44 -6.79
N ASP A 115 12.03 -15.04 -6.39
CA ASP A 115 12.36 -16.41 -6.80
C ASP A 115 11.34 -17.45 -6.31
N LYS A 116 10.59 -17.10 -5.28
CA LYS A 116 9.52 -17.97 -4.74
C LYS A 116 8.12 -17.68 -5.39
N LEU A 117 8.00 -16.68 -6.24
CA LEU A 117 6.75 -16.24 -6.88
C LEU A 117 6.58 -16.95 -8.18
N ASP A 118 5.31 -17.05 -8.67
CA ASP A 118 5.08 -17.73 -9.94
C ASP A 118 4.48 -16.75 -10.92
N TRP A 119 4.62 -17.06 -12.20
CA TRP A 119 4.01 -16.33 -13.31
C TRP A 119 2.45 -16.59 -13.28
N LEU A 120 1.68 -15.77 -14.01
CA LEU A 120 0.27 -16.12 -14.25
C LEU A 120 0.30 -17.22 -15.36
N ARG A 121 -0.63 -18.18 -15.30
CA ARG A 121 -0.60 -19.32 -16.24
C ARG A 121 -1.99 -19.75 -16.74
N VAL A 122 -2.09 -20.08 -18.02
CA VAL A 122 -3.32 -20.70 -18.57
C VAL A 122 -2.89 -22.17 -18.69
N GLU A 123 -2.89 -22.91 -17.59
CA GLU A 123 -2.37 -24.31 -17.52
C GLU A 123 -0.92 -24.24 -17.03
N ASN A 124 0.03 -24.56 -17.90
CA ASN A 124 1.47 -24.40 -17.56
C ASN A 124 2.00 -23.33 -18.51
N ASP A 125 1.19 -22.98 -19.52
CA ASP A 125 1.55 -21.88 -20.46
C ASP A 125 1.60 -20.57 -19.68
N VAL A 126 2.75 -19.91 -19.65
CA VAL A 126 2.96 -18.67 -18.97
C VAL A 126 2.23 -17.46 -19.69
N ILE A 127 1.40 -16.63 -18.95
CA ILE A 127 0.86 -15.38 -19.54
C ILE A 127 2.01 -14.30 -19.43
N GLN A 128 2.45 -13.75 -20.59
CA GLN A 128 3.60 -12.80 -20.67
C GLN A 128 3.25 -11.37 -20.40
N TYR A 129 4.28 -10.53 -20.01
CA TYR A 129 4.06 -9.12 -19.70
C TYR A 129 3.34 -8.33 -20.81
N PRO A 130 3.70 -8.38 -22.12
CA PRO A 130 2.91 -7.64 -23.13
C PRO A 130 1.39 -7.96 -23.15
N THR A 131 1.00 -9.20 -22.76
CA THR A 131 -0.40 -9.57 -22.72
C THR A 131 -1.12 -8.75 -21.62
N LEU A 132 -0.53 -8.77 -20.40
CA LEU A 132 -0.98 -8.07 -19.24
C LEU A 132 -0.96 -6.55 -19.50
N SER A 133 0.15 -5.99 -20.00
CA SER A 133 0.20 -4.53 -20.22
C SER A 133 -0.73 -4.03 -21.34
N LYS A 134 -0.83 -4.75 -22.47
CA LYS A 134 -1.72 -4.31 -23.56
C LYS A 134 -3.23 -4.28 -23.09
N LEU A 135 -3.58 -5.14 -22.14
CA LEU A 135 -4.92 -5.22 -21.58
C LEU A 135 -5.16 -4.06 -20.62
N LEU A 136 -4.15 -3.74 -19.82
CA LEU A 136 -4.21 -2.67 -18.83
C LEU A 136 -4.36 -1.33 -19.60
N GLU A 137 -3.60 -1.16 -20.72
CA GLU A 137 -3.70 0.07 -21.53
C GLU A 137 -5.11 0.17 -22.09
N LEU A 138 -5.59 -0.94 -22.69
CA LEU A 138 -6.91 -0.99 -23.30
C LEU A 138 -8.03 -0.56 -22.33
N TYR A 139 -7.97 -1.03 -21.09
CA TYR A 139 -8.96 -0.72 -20.10
C TYR A 139 -8.86 0.74 -19.61
N ASN A 140 -7.63 1.18 -19.26
CA ASN A 140 -7.37 2.51 -18.69
C ASN A 140 -7.60 3.64 -19.67
N SER A 141 -7.40 3.41 -20.97
CA SER A 141 -7.70 4.47 -21.95
C SER A 141 -9.25 4.67 -22.15
N GLN A 142 -10.06 4.02 -21.33
CA GLN A 142 -11.52 4.01 -21.33
C GLN A 142 -12.08 4.32 -19.92
N ASN A 143 -11.24 4.82 -18.97
CA ASN A 143 -11.67 5.07 -17.61
C ASN A 143 -10.86 6.19 -16.96
N HIS A 147 -9.37 3.43 -12.24
CA HIS A 147 -8.02 3.06 -12.74
C HIS A 147 -7.62 1.70 -12.26
N LEU A 148 -6.84 0.94 -13.11
CA LEU A 148 -6.42 -0.44 -12.75
C LEU A 148 -4.91 -0.59 -12.72
N SER A 149 -4.34 -1.03 -11.59
CA SER A 149 -2.92 -1.27 -11.46
C SER A 149 -2.58 -2.76 -11.83
N ILE A 150 -1.34 -3.01 -12.32
CA ILE A 150 -0.84 -4.34 -12.64
C ILE A 150 -0.97 -5.29 -11.42
N GLU A 151 -0.78 -4.79 -10.19
CA GLU A 151 -0.88 -5.56 -8.96
C GLU A 151 -2.30 -6.08 -8.78
N LYS A 152 -3.33 -5.30 -9.11
CA LYS A 152 -4.70 -5.72 -8.96
C LYS A 152 -5.12 -6.56 -10.10
N LEU A 153 -4.58 -6.30 -11.35
CA LEU A 153 -4.88 -7.22 -12.49
C LEU A 153 -4.21 -8.60 -12.22
N ILE A 154 -2.98 -8.68 -11.70
CA ILE A 154 -2.32 -9.94 -11.33
C ILE A 154 -3.13 -10.73 -10.28
N ALA A 155 -3.48 -10.10 -9.22
CA ALA A 155 -4.25 -10.66 -8.11
C ALA A 155 -5.63 -11.01 -8.52
N GLY A 156 -6.24 -10.23 -9.41
CA GLY A 156 -7.57 -10.52 -9.91
C GLY A 156 -7.57 -11.70 -10.85
N LEU A 157 -6.60 -11.81 -11.76
CA LEU A 157 -6.51 -12.96 -12.70
C LEU A 157 -6.07 -14.24 -12.03
N ALA A 158 -5.39 -14.22 -10.89
CA ALA A 158 -4.95 -15.43 -10.14
C ALA A 158 -6.09 -16.31 -9.59
N VAL A 159 -7.30 -15.75 -9.57
CA VAL A 159 -8.58 -16.27 -9.06
C VAL A 159 -9.65 -16.25 -10.16
N ARG A 160 -9.28 -16.19 -11.47
CA ARG A 160 -10.24 -16.15 -12.57
C ARG A 160 -9.70 -16.97 -13.74
N ARG A 161 -9.74 -18.28 -13.62
CA ARG A 161 -9.33 -19.25 -14.64
C ARG A 161 -9.89 -18.96 -16.06
N LYS A 162 -11.21 -18.88 -16.21
CA LYS A 162 -11.84 -18.66 -17.51
C LYS A 162 -11.36 -17.42 -18.22
N VAL A 163 -10.94 -16.38 -17.43
CA VAL A 163 -10.48 -15.04 -17.79
C VAL A 163 -9.04 -15.08 -18.22
N CYS A 164 -8.20 -15.83 -17.50
CA CYS A 164 -6.84 -16.08 -17.95
C CYS A 164 -6.86 -16.77 -19.35
N LYS A 165 -7.75 -17.82 -19.54
CA LYS A 165 -7.75 -18.46 -20.88
C LYS A 165 -8.20 -17.49 -22.01
N LEU A 166 -9.34 -16.81 -21.83
CA LEU A 166 -9.84 -15.82 -22.78
C LEU A 166 -8.76 -14.77 -23.14
N VAL A 167 -8.07 -14.17 -22.12
CA VAL A 167 -6.99 -13.20 -22.32
C VAL A 167 -5.81 -13.80 -23.11
N GLN A 168 -5.36 -15.01 -22.76
CA GLN A 168 -4.26 -15.69 -23.44
C GLN A 168 -4.58 -15.92 -24.93
N ASP A 169 -5.81 -16.30 -25.29
CA ASP A 169 -6.22 -16.53 -26.65
C ASP A 169 -6.54 -15.24 -27.44
N GLY A 170 -6.52 -14.06 -26.80
CA GLY A 170 -6.81 -12.77 -27.43
C GLY A 170 -8.29 -12.47 -27.52
N HIS A 171 -9.15 -13.14 -26.71
CA HIS A 171 -10.59 -12.88 -26.74
C HIS A 171 -11.03 -11.92 -25.64
N ILE A 172 -10.71 -10.62 -25.78
CA ILE A 172 -11.10 -9.59 -24.81
C ILE A 172 -12.56 -9.23 -25.09
N ASP A 173 -13.49 -9.95 -24.43
CA ASP A 173 -14.92 -9.77 -24.60
C ASP A 173 -15.58 -9.17 -23.34
N GLU A 174 -16.94 -9.20 -23.26
CA GLU A 174 -17.74 -8.64 -22.15
C GLU A 174 -17.40 -9.28 -20.80
N THR A 175 -16.98 -10.55 -20.85
CA THR A 175 -16.60 -11.33 -19.69
C THR A 175 -15.31 -10.80 -19.09
N VAL A 176 -14.37 -10.39 -19.96
CA VAL A 176 -13.08 -9.82 -19.59
C VAL A 176 -13.28 -8.39 -19.09
N TYR A 177 -14.04 -7.58 -19.85
CA TYR A 177 -14.31 -6.21 -19.43
C TYR A 177 -14.99 -6.15 -18.07
N ARG A 178 -15.93 -7.07 -17.83
CA ARG A 178 -16.58 -7.17 -16.52
C ARG A 178 -15.59 -7.56 -15.38
N ALA A 179 -14.62 -8.46 -15.63
CA ALA A 179 -13.62 -8.87 -14.65
C ALA A 179 -12.75 -7.65 -14.29
N LEU A 180 -12.32 -6.84 -15.29
CA LEU A 180 -11.47 -5.69 -15.08
C LEU A 180 -12.18 -4.59 -14.25
N ASP A 181 -13.47 -4.33 -14.54
CA ASP A 181 -14.33 -3.43 -13.76
C ASP A 181 -14.37 -3.94 -12.30
N GLU A 182 -14.51 -5.25 -12.11
CA GLU A 182 -14.54 -5.82 -10.78
C GLU A 182 -13.26 -5.58 -10.00
N MET A 183 -12.13 -5.82 -10.65
CA MET A 183 -10.77 -5.63 -10.09
C MET A 183 -10.51 -4.23 -9.70
N ALA A 184 -10.87 -3.26 -10.61
CA ALA A 184 -10.68 -1.81 -10.39
C ALA A 184 -11.57 -1.27 -9.27
N ALA A 185 -12.79 -1.83 -9.11
CA ALA A 185 -13.70 -1.46 -8.05
C ALA A 185 -13.29 -2.02 -6.72
N GLY A 186 -12.25 -2.82 -6.58
CA GLY A 186 -11.85 -3.34 -5.27
C GLY A 186 -10.48 -2.82 -4.83
N ALA A 187 -9.95 -3.31 -3.67
CA ALA A 187 -8.59 -2.96 -3.17
C ALA A 187 -7.52 -3.48 -4.18
N ARG B 59 1.95 9.44 -9.06
CA ARG B 59 1.12 9.48 -10.29
C ARG B 59 -0.43 9.49 -9.98
N ARG B 60 -0.99 8.35 -9.37
CA ARG B 60 -2.37 8.13 -8.85
C ARG B 60 -2.46 8.50 -7.31
N VAL B 61 -3.44 9.36 -6.89
CA VAL B 61 -3.58 9.84 -5.51
C VAL B 61 -5.00 9.52 -4.97
N LYS B 62 -5.09 8.98 -3.76
CA LYS B 62 -6.37 8.65 -3.17
C LYS B 62 -6.48 9.53 -1.93
N LEU B 63 -7.34 10.58 -1.94
CA LEU B 63 -7.48 11.45 -0.75
C LEU B 63 -8.57 10.97 0.15
N ARG B 64 -8.26 10.88 1.44
CA ARG B 64 -9.32 10.55 2.42
C ARG B 64 -9.29 11.63 3.52
N LYS B 65 -10.21 11.57 4.45
CA LYS B 65 -10.29 12.62 5.49
C LYS B 65 -8.99 12.76 6.33
N HIS B 66 -8.38 11.61 6.72
CA HIS B 66 -7.21 11.64 7.59
C HIS B 66 -5.98 11.10 6.99
N LEU B 67 -6.09 10.45 5.83
CA LEU B 67 -4.97 9.76 5.19
C LEU B 67 -4.93 10.10 3.69
N VAL B 68 -3.73 10.19 3.14
CA VAL B 68 -3.57 10.29 1.68
C VAL B 68 -2.71 9.10 1.20
N GLU B 69 -3.08 8.40 0.12
CA GLU B 69 -2.20 7.35 -0.44
C GLU B 69 -1.73 7.80 -1.81
N ILE B 70 -0.39 7.76 -2.05
CA ILE B 70 0.34 8.13 -3.29
C ILE B 70 0.96 6.87 -3.89
N ASN B 71 0.49 6.54 -5.08
CA ASN B 71 0.79 5.33 -5.82
C ASN B 71 1.70 5.63 -7.00
N ALA B 72 2.93 5.01 -7.06
CA ALA B 72 3.92 5.25 -8.14
C ALA B 72 4.55 3.93 -8.46
N ASP B 73 3.98 3.25 -9.47
CA ASP B 73 4.39 1.91 -9.85
C ASP B 73 4.38 0.90 -8.65
N GLU B 74 5.56 0.35 -8.27
CA GLU B 74 5.69 -0.63 -7.19
C GLU B 74 5.42 -0.08 -5.81
N ILE B 75 5.47 1.24 -5.67
CA ILE B 75 5.29 1.88 -4.36
C ILE B 75 3.92 2.48 -4.09
N THR B 76 3.52 2.40 -2.81
CA THR B 76 2.39 3.12 -2.27
C THR B 76 2.92 3.80 -1.02
N ILE B 77 2.78 5.11 -0.91
CA ILE B 77 3.16 5.85 0.29
C ILE B 77 1.84 6.33 0.96
N THR B 78 1.68 6.14 2.27
CA THR B 78 0.48 6.63 2.97
C THR B 78 0.87 7.68 4.00
N LEU B 79 0.39 8.93 3.84
CA LEU B 79 0.74 10.07 4.71
C LEU B 79 -0.49 10.59 5.49
N SER B 80 -0.25 11.25 6.63
CA SER B 80 -1.33 11.85 7.45
C SER B 80 -0.84 13.19 8.04
N ARG B 81 -1.66 13.87 8.89
CA ARG B 81 -1.25 15.03 9.63
C ARG B 81 -0.26 14.66 10.77
N TYR B 82 -0.20 13.41 11.17
CA TYR B 82 0.67 12.86 12.18
C TYR B 82 2.02 12.40 11.66
N THR B 83 2.30 12.46 10.33
CA THR B 83 3.61 12.02 9.81
C THR B 83 4.64 13.04 10.27
N SER B 84 5.76 12.58 10.90
CA SER B 84 6.80 13.46 11.43
C SER B 84 7.61 14.01 10.30
N PRO B 85 8.33 15.12 10.56
CA PRO B 85 9.26 15.66 9.54
C PRO B 85 10.28 14.66 9.04
N GLU B 86 10.88 13.86 9.93
CA GLU B 86 11.87 12.87 9.53
C GLU B 86 11.22 11.74 8.61
N ALA B 87 10.05 11.19 9.00
CA ALA B 87 9.34 10.19 8.21
C ALA B 87 8.88 10.77 6.85
N LEU B 88 8.57 12.08 6.81
CA LEU B 88 8.14 12.75 5.57
C LEU B 88 9.39 12.89 4.67
N GLU B 89 10.53 13.16 5.24
CA GLU B 89 11.81 13.24 4.49
C GLU B 89 12.11 11.97 3.74
N ARG B 90 12.17 10.81 4.47
CA ARG B 90 12.33 9.44 3.93
C ARG B 90 11.29 9.12 2.87
N SER B 91 10.00 9.45 3.08
CA SER B 91 8.92 9.21 2.10
C SER B 91 9.13 9.95 0.78
N ILE B 92 9.45 11.19 0.86
CA ILE B 92 9.87 11.98 -0.37
C ILE B 92 11.05 11.41 -1.14
N THR B 93 12.07 10.93 -0.44
CA THR B 93 13.24 10.36 -1.09
C THR B 93 12.87 8.99 -1.72
N ALA B 94 12.04 8.17 -0.99
CA ALA B 94 11.53 6.94 -1.54
C ALA B 94 10.65 7.27 -2.80
N LEU B 95 9.75 8.26 -2.84
CA LEU B 95 9.01 8.61 -4.10
C LEU B 95 9.96 9.09 -5.18
N ALA B 96 11.03 9.92 -4.85
CA ALA B 96 11.93 10.35 -5.89
C ALA B 96 12.73 9.19 -6.50
N ALA B 97 13.10 8.18 -5.72
CA ALA B 97 13.83 7.04 -6.33
C ALA B 97 12.90 6.28 -7.30
N MET B 98 11.56 6.28 -7.09
CA MET B 98 10.67 5.55 -8.00
C MET B 98 10.36 6.32 -9.29
N THR B 99 10.10 7.60 -9.14
CA THR B 99 9.60 8.46 -10.19
C THR B 99 10.71 9.16 -10.96
N GLY B 100 11.85 9.43 -10.33
CA GLY B 100 12.91 10.18 -10.96
C GLY B 100 12.71 11.67 -10.91
N HIS B 101 11.62 12.09 -10.24
CA HIS B 101 11.31 13.47 -10.05
C HIS B 101 12.24 14.12 -9.02
N ALA B 102 12.36 15.48 -9.05
CA ALA B 102 13.16 16.14 -8.05
C ALA B 102 12.54 16.01 -6.66
N PRO B 103 13.29 15.59 -5.62
CA PRO B 103 12.75 15.69 -4.25
C PRO B 103 12.05 17.00 -3.86
N SER B 104 12.60 18.17 -4.13
CA SER B 104 11.97 19.46 -3.76
C SER B 104 10.60 19.61 -4.46
N SER B 105 10.46 19.07 -5.66
CA SER B 105 9.21 19.10 -6.37
C SER B 105 8.18 18.07 -5.81
N ILE B 106 8.61 16.84 -5.42
CA ILE B 106 7.78 15.88 -4.75
C ILE B 106 7.34 16.40 -3.34
N LYS B 107 8.28 17.12 -2.67
CA LYS B 107 8.03 17.63 -1.33
C LYS B 107 6.91 18.61 -1.34
N GLU B 108 6.90 19.56 -2.32
CA GLU B 108 5.81 20.54 -2.52
C GLU B 108 4.45 19.81 -2.72
N GLU B 109 4.43 18.68 -3.41
CA GLU B 109 3.18 17.94 -3.70
C GLU B 109 2.56 17.23 -2.52
N CYS B 110 3.38 16.58 -1.70
CA CYS B 110 3.11 15.92 -0.45
C CYS B 110 2.61 16.91 0.59
N VAL B 111 3.27 18.06 0.65
CA VAL B 111 2.93 19.13 1.53
C VAL B 111 1.56 19.71 1.18
N GLU B 112 1.26 19.80 -0.13
CA GLU B 112 -0.04 20.27 -0.57
C GLU B 112 -1.13 19.34 -0.15
N LEU B 113 -0.87 18.02 -0.26
CA LEU B 113 -1.82 16.94 0.08
C LEU B 113 -2.00 16.79 1.59
N ILE B 114 -0.90 16.79 2.37
CA ILE B 114 -1.01 16.63 3.84
C ILE B 114 -1.85 17.83 4.40
N ASP B 115 -1.77 19.04 3.73
CA ASP B 115 -2.52 20.27 4.08
C ASP B 115 -4.07 20.13 3.94
N LYS B 116 -4.49 19.18 3.09
CA LYS B 116 -5.89 18.91 2.83
C LYS B 116 -6.47 17.89 3.89
N LEU B 117 -5.64 17.22 4.69
CA LEU B 117 -6.04 16.18 5.68
C LEU B 117 -6.39 16.78 7.01
N ASP B 118 -7.18 16.05 7.85
CA ASP B 118 -7.56 16.60 9.16
C ASP B 118 -7.05 15.70 10.25
N TRP B 119 -6.99 16.27 11.48
CA TRP B 119 -6.62 15.55 12.69
C TRP B 119 -7.79 14.61 13.10
N LEU B 120 -7.51 13.63 13.99
CA LEU B 120 -8.60 12.87 14.62
C LEU B 120 -9.18 13.86 15.65
N ARG B 121 -10.51 13.96 15.81
CA ARG B 121 -11.08 14.90 16.80
C ARG B 121 -12.21 14.23 17.64
N VAL B 122 -12.37 14.78 18.86
CA VAL B 122 -13.40 14.35 19.82
C VAL B 122 -13.61 15.47 20.80
N GLU B 123 -14.87 15.77 21.12
CA GLU B 123 -15.18 16.82 22.11
C GLU B 123 -14.44 18.12 21.93
N ASN B 124 -14.56 18.74 20.74
CA ASN B 124 -13.90 20.02 20.51
C ASN B 124 -12.39 20.04 20.89
N ASP B 125 -11.67 19.02 20.48
CA ASP B 125 -10.27 18.87 20.77
C ASP B 125 -9.68 18.01 19.66
N VAL B 126 -8.39 18.03 19.58
CA VAL B 126 -7.61 17.30 18.64
C VAL B 126 -6.93 16.15 19.44
N ILE B 127 -6.91 14.90 18.89
CA ILE B 127 -6.15 13.79 19.50
C ILE B 127 -4.71 13.93 18.95
N GLN B 128 -3.72 14.09 19.83
CA GLN B 128 -2.30 14.35 19.43
C GLN B 128 -1.49 13.07 19.26
N TYR B 129 -0.36 13.15 18.53
CA TYR B 129 0.53 12.03 18.29
C TYR B 129 0.97 11.26 19.56
N PRO B 130 1.42 11.84 20.70
CA PRO B 130 1.78 10.99 21.85
C PRO B 130 0.62 10.09 22.39
N THR B 131 -0.63 10.54 22.23
CA THR B 131 -1.79 9.77 22.62
C THR B 131 -1.89 8.53 21.75
N LEU B 132 -1.81 8.75 20.39
CA LEU B 132 -1.88 7.66 19.40
C LEU B 132 -0.71 6.73 19.59
N SER B 133 0.57 7.28 19.68
CA SER B 133 1.72 6.37 19.80
C SER B 133 1.78 5.58 21.12
N LYS B 134 1.47 6.20 22.26
CA LYS B 134 1.46 5.49 23.54
C LYS B 134 0.38 4.30 23.57
N LEU B 135 -0.74 4.46 22.82
CA LEU B 135 -1.76 3.48 22.69
C LEU B 135 -1.29 2.33 21.76
N LEU B 136 -0.58 2.69 20.67
CA LEU B 136 -0.06 1.74 19.71
C LEU B 136 0.96 0.88 20.40
N GLU B 137 1.86 1.48 21.22
CA GLU B 137 2.87 0.71 21.96
C GLU B 137 2.19 -0.24 22.90
N LEU B 138 1.20 0.27 23.66
CA LEU B 138 0.46 -0.51 24.62
C LEU B 138 -0.19 -1.75 24.04
N TYR B 139 -0.84 -1.59 22.87
CA TYR B 139 -1.51 -2.71 22.19
C TYR B 139 -0.50 -3.73 21.63
N ASN B 140 0.52 -3.24 20.88
CA ASN B 140 1.50 -4.05 20.18
C ASN B 140 2.46 -4.78 21.08
N SER B 141 2.73 -4.26 22.29
CA SER B 141 3.58 -5.01 23.22
C SER B 141 2.85 -6.20 23.84
N GLN B 142 1.60 -6.48 23.41
CA GLN B 142 0.72 -7.55 23.84
C GLN B 142 0.30 -8.46 22.62
N ASN B 143 -0.24 -7.87 21.53
CA ASN B 143 -0.54 -8.59 20.30
C ASN B 143 0.74 -8.47 19.38
N GLU B 144 1.77 -9.22 19.80
CA GLU B 144 3.06 -9.32 19.16
C GLU B 144 3.25 -10.78 18.77
N HIS B 147 -0.37 -7.33 15.28
CA HIS B 147 0.19 -6.00 15.00
C HIS B 147 -0.82 -5.00 14.43
N LEU B 148 -0.66 -3.76 14.91
CA LEU B 148 -1.50 -2.63 14.45
C LEU B 148 -0.61 -1.48 14.00
N SER B 149 -0.81 -1.00 12.79
CA SER B 149 -0.14 0.14 12.22
C SER B 149 -0.91 1.45 12.55
N ILE B 150 -0.19 2.59 12.64
CA ILE B 150 -0.74 3.93 12.81
C ILE B 150 -1.80 4.24 11.75
N GLU B 151 -1.60 3.80 10.49
CA GLU B 151 -2.55 3.98 9.42
C GLU B 151 -3.90 3.27 9.72
N LYS B 152 -3.90 2.07 10.30
CA LYS B 152 -5.11 1.37 10.60
C LYS B 152 -5.73 1.84 11.85
N LEU B 153 -4.94 2.25 12.87
CA LEU B 153 -5.49 2.88 14.11
C LEU B 153 -6.15 4.21 13.70
N ILE B 154 -5.55 5.05 12.81
CA ILE B 154 -6.15 6.34 12.32
C ILE B 154 -7.46 6.12 11.66
N ALA B 155 -7.50 5.20 10.72
CA ALA B 155 -8.66 4.84 9.92
C ALA B 155 -9.78 4.20 10.80
N GLY B 156 -9.37 3.47 11.81
CA GLY B 156 -10.30 2.85 12.74
C GLY B 156 -10.93 3.85 13.66
N LEU B 157 -10.11 4.76 14.25
CA LEU B 157 -10.63 5.80 15.18
C LEU B 157 -11.46 6.87 14.53
N ALA B 158 -11.26 7.14 13.25
CA ALA B 158 -12.02 8.11 12.43
C ALA B 158 -13.55 7.86 12.35
N VAL B 159 -13.95 6.62 12.68
CA VAL B 159 -15.33 6.17 12.67
C VAL B 159 -15.81 5.70 14.11
N ARG B 160 -15.05 6.07 15.19
CA ARG B 160 -15.37 5.48 16.51
C ARG B 160 -15.35 6.54 17.55
N ARG B 161 -16.41 7.34 17.67
CA ARG B 161 -16.37 8.53 18.56
C ARG B 161 -16.21 8.15 20.04
N LYS B 162 -16.88 7.10 20.51
CA LYS B 162 -16.86 6.74 21.94
C LYS B 162 -15.46 6.27 22.30
N VAL B 163 -14.85 5.53 21.39
CA VAL B 163 -13.43 5.11 21.58
C VAL B 163 -12.43 6.28 21.57
N CYS B 164 -12.58 7.25 20.62
CA CYS B 164 -11.78 8.50 20.65
C CYS B 164 -11.97 9.16 22.01
N LYS B 165 -13.23 9.32 22.53
CA LYS B 165 -13.41 9.93 23.87
C LYS B 165 -12.73 9.11 25.01
N LEU B 166 -12.96 7.82 25.10
CA LEU B 166 -12.31 6.94 26.08
C LEU B 166 -10.75 7.09 26.05
N VAL B 167 -10.14 7.01 24.84
CA VAL B 167 -8.68 7.20 24.65
C VAL B 167 -8.21 8.60 25.13
N GLN B 168 -8.95 9.65 24.74
CA GLN B 168 -8.61 11.01 25.11
C GLN B 168 -8.62 11.20 26.64
N ASP B 169 -9.53 10.59 27.33
CA ASP B 169 -9.68 10.68 28.81
C ASP B 169 -8.71 9.76 29.61
N GLY B 170 -7.95 8.90 28.91
CA GLY B 170 -7.03 7.93 29.49
C GLY B 170 -7.72 6.66 30.00
N HIS B 171 -8.93 6.37 29.50
CA HIS B 171 -9.59 5.16 29.90
C HIS B 171 -9.40 4.04 28.90
N ILE B 172 -8.19 3.42 28.87
CA ILE B 172 -7.92 2.32 27.93
C ILE B 172 -8.46 1.07 28.58
N ASP B 173 -9.71 0.75 28.30
CA ASP B 173 -10.41 -0.38 28.89
C ASP B 173 -10.75 -1.47 27.83
N GLU B 174 -11.64 -2.43 28.17
CA GLU B 174 -12.07 -3.52 27.30
C GLU B 174 -12.71 -3.04 25.99
N THR B 175 -13.37 -1.88 26.04
CA THR B 175 -14.05 -1.25 24.92
C THR B 175 -13.03 -0.81 23.90
N VAL B 176 -11.88 -0.25 24.40
CA VAL B 176 -10.75 0.22 23.59
C VAL B 176 -10.05 -0.95 23.01
N TYR B 177 -9.68 -1.94 23.89
CA TYR B 177 -8.98 -3.14 23.44
C TYR B 177 -9.75 -3.89 22.40
N ARG B 178 -11.06 -3.98 22.53
CA ARG B 178 -11.93 -4.60 21.52
C ARG B 178 -11.94 -3.84 20.18
N ALA B 179 -11.94 -2.49 20.18
CA ALA B 179 -11.85 -1.66 18.95
C ALA B 179 -10.50 -1.94 18.23
N LEU B 180 -9.41 -1.97 18.99
CA LEU B 180 -8.07 -2.21 18.46
C LEU B 180 -7.93 -3.63 17.83
N ASP B 181 -8.47 -4.65 18.51
CA ASP B 181 -8.57 -6.02 17.98
C ASP B 181 -9.32 -6.00 16.66
N GLU B 182 -10.41 -5.26 16.57
CA GLU B 182 -11.19 -5.14 15.36
C GLU B 182 -10.39 -4.55 14.22
N MET B 183 -9.65 -3.47 14.46
CA MET B 183 -8.77 -2.77 13.47
C MET B 183 -7.64 -3.66 12.97
N ALA B 184 -6.97 -4.41 13.90
CA ALA B 184 -5.86 -5.32 13.61
C ALA B 184 -6.33 -6.58 12.89
N ALA B 185 -7.54 -7.04 13.11
CA ALA B 185 -8.11 -8.18 12.35
C ALA B 185 -8.43 -7.60 10.92
N GLY B 186 -9.07 -6.42 10.90
CA GLY B 186 -9.40 -5.63 9.72
C GLY B 186 -8.21 -5.14 8.92
C1 GOL C . -5.01 -19.27 -12.27
O1 GOL C . -5.97 -18.73 -13.16
C2 GOL C . -3.64 -18.77 -12.67
O2 GOL C . -3.68 -17.37 -12.86
C3 GOL C . -2.46 -19.14 -11.82
O3 GOL C . -1.28 -19.16 -12.64
C1 GOL D . -13.77 -21.35 -14.21
O1 GOL D . -14.37 -22.18 -15.18
C2 GOL D . -13.44 -22.25 -13.08
O2 GOL D . -12.99 -23.41 -13.70
C3 GOL D . -12.31 -21.76 -12.22
O3 GOL D . -11.56 -22.88 -11.70
I IOD E . -1.47 -13.11 -5.76
C1 GOL F . 0.01 21.92 7.86
O1 GOL F . -0.96 21.37 6.97
C2 GOL F . 0.58 23.23 7.35
O2 GOL F . -0.32 24.30 7.65
C3 GOL F . 0.93 23.26 5.88
O3 GOL F . 2.22 22.74 5.60
C1 GOL G . 3.73 9.00 12.74
O1 GOL G . 2.73 8.39 11.95
C2 GOL G . 5.12 8.96 12.16
O2 GOL G . 5.30 9.95 11.14
C3 GOL G . 6.16 9.13 13.23
O3 GOL G . 5.79 10.19 14.07
C1 GOL H . -12.82 0.28 8.74
O1 GOL H . -13.70 0.79 7.71
C2 GOL H . -11.62 1.18 9.02
O2 GOL H . -12.15 2.46 9.39
C3 GOL H . -10.72 0.68 10.11
O3 GOL H . -9.29 0.77 9.85
C1 GOL I . -17.16 0.91 18.96
O1 GOL I . -17.29 2.35 19.16
C2 GOL I . -15.77 0.33 19.07
O2 GOL I . -15.56 -0.90 18.24
C3 GOL I . -15.46 0.01 20.51
O3 GOL I . -15.50 -1.39 20.81
C1 GOL J . 12.57 21.43 0.09
O1 GOL J . 13.56 21.62 -0.92
C2 GOL J . 13.11 21.89 1.43
O2 GOL J . 12.13 22.71 2.06
C3 GOL J . 13.46 20.71 2.33
O3 GOL J . 14.79 20.79 2.84
I IOD K . -9.46 8.04 6.65
#